data_1SNK
#
_entry.id   1SNK
#
_cell.length_a   62.073
_cell.length_b   62.073
_cell.length_c   113.378
_cell.angle_alpha   90.00
_cell.angle_beta   90.00
_cell.angle_gamma   90.00
#
_symmetry.space_group_name_H-M   'P 43 21 2'
#
loop_
_entity.id
_entity.type
_entity.pdbx_description
1 polymer 'Cathepsin K'
2 non-polymer 'SULFATE ION'
3 non-polymer N2-({[(4-BROMOPHENYL)METHYL]OXY}CARBONYL)-N1-[(1S)-1-FORMYLPENTYL]-L-LEUCINAMIDE
4 water water
#
_entity_poly.entity_id   1
_entity_poly.type   'polypeptide(L)'
_entity_poly.pdbx_seq_one_letter_code
;PDSVDYRKKGYVTPVKNQGQCGSCWAFSSVGALEGQLKKKTGKLLNLSPQNLVDCVSENDGCGGGYMTNAFQYVQKNRGI
DSEDAYPYVGQEESCMYNPTGKAAKCRGYREIPEGNEKALKRAVARVGPVSVAIDASLTSFQFYSKGVYYDESCNSDNLN
HAVLAVGYGIQKGNKHWIIKNSWGENWGNKGYILMARNKNNACGIANLASFPKM
;
_entity_poly.pdbx_strand_id   A
#
loop_
_chem_comp.id
_chem_comp.type
_chem_comp.name
_chem_comp.formula
MYE non-polymer N2-({[(4-BROMOPHENYL)METHYL]OXY}CARBONYL)-N1-[(1S)-1-FORMYLPENTYL]-L-LEUCINAMIDE 'C20 H29 Br N2 O4'
SO4 non-polymer 'SULFATE ION' 'O4 S -2'
#
# COMPACT_ATOMS: atom_id res chain seq x y z
N PRO A 1 -1.66 -20.71 -0.49
CA PRO A 1 -2.29 -20.72 0.86
C PRO A 1 -3.76 -20.29 0.79
N ASP A 2 -4.59 -20.98 1.55
CA ASP A 2 -6.03 -20.73 1.57
C ASP A 2 -6.44 -19.35 2.07
N SER A 3 -5.79 -18.87 3.12
CA SER A 3 -6.13 -17.57 3.67
C SER A 3 -4.91 -16.91 4.31
N VAL A 4 -4.76 -15.61 4.12
CA VAL A 4 -3.62 -14.88 4.70
C VAL A 4 -4.02 -13.57 5.38
N ASP A 5 -3.39 -13.28 6.50
CA ASP A 5 -3.64 -12.04 7.23
C ASP A 5 -2.34 -11.63 7.93
N TYR A 6 -1.51 -10.87 7.23
CA TYR A 6 -0.23 -10.44 7.78
C TYR A 6 -0.28 -9.70 9.11
N ARG A 7 -1.45 -9.15 9.45
CA ARG A 7 -1.58 -8.46 10.73
C ARG A 7 -1.37 -9.45 11.87
N LYS A 8 -1.72 -10.71 11.61
CA LYS A 8 -1.58 -11.77 12.61
C LYS A 8 -0.14 -12.18 12.87
N LYS A 9 0.77 -11.79 11.98
CA LYS A 9 2.18 -12.13 12.15
C LYS A 9 2.99 -10.90 12.52
N GLY A 10 2.31 -9.77 12.65
CA GLY A 10 2.99 -8.53 13.00
C GLY A 10 3.83 -7.96 11.88
N TYR A 11 3.33 -8.06 10.65
CA TYR A 11 4.02 -7.56 9.46
C TYR A 11 3.53 -6.16 9.06
N VAL A 12 2.46 -5.72 9.72
CA VAL A 12 1.81 -4.46 9.39
C VAL A 12 1.86 -3.41 10.51
N THR A 13 2.28 -2.20 10.16
CA THR A 13 2.33 -1.10 11.12
C THR A 13 0.96 -0.44 11.22
N PRO A 14 0.77 0.46 12.20
CA PRO A 14 -0.52 1.13 12.38
C PRO A 14 -1.01 1.92 11.16
N VAL A 15 -2.31 2.17 11.15
CA VAL A 15 -2.97 2.92 10.09
C VAL A 15 -2.55 4.39 10.19
N LYS A 16 -2.10 4.95 9.07
CA LYS A 16 -1.69 6.34 9.05
C LYS A 16 -2.82 7.20 8.49
N ASN A 17 -2.55 8.50 8.39
CA ASN A 17 -3.52 9.45 7.88
C ASN A 17 -2.78 10.40 6.93
N GLN A 18 -3.21 10.42 5.67
CA GLN A 18 -2.58 11.27 4.66
C GLN A 18 -2.66 12.75 4.98
N GLY A 19 -3.65 13.16 5.78
CA GLY A 19 -3.80 14.56 6.07
C GLY A 19 -4.32 15.27 4.83
N GLN A 20 -3.87 16.51 4.61
CA GLN A 20 -4.31 17.30 3.45
C GLN A 20 -3.40 17.07 2.27
N CYS A 21 -2.99 15.82 2.08
CA CYS A 21 -2.05 15.47 1.02
C CYS A 21 -2.43 14.17 0.30
N GLY A 22 -2.41 14.19 -1.02
CA GLY A 22 -2.74 12.99 -1.79
C GLY A 22 -1.54 12.07 -1.91
N SER A 23 -0.99 11.70 -0.75
CA SER A 23 0.18 10.85 -0.70
C SER A 23 -0.13 9.36 -0.45
N CYS A 24 -1.29 8.91 -0.89
CA CYS A 24 -1.68 7.51 -0.71
C CYS A 24 -0.61 6.57 -1.26
N TRP A 25 0.00 6.95 -2.38
CA TRP A 25 1.01 6.11 -3.01
C TRP A 25 2.26 6.00 -2.12
N ALA A 26 2.63 7.08 -1.44
CA ALA A 26 3.79 7.03 -0.56
C ALA A 26 3.46 6.05 0.56
N PHE A 27 2.25 6.17 1.10
CA PHE A 27 1.82 5.27 2.18
C PHE A 27 1.79 3.82 1.73
N SER A 28 1.22 3.59 0.54
CA SER A 28 1.13 2.25 -0.03
C SER A 28 2.55 1.64 -0.14
N SER A 29 3.47 2.43 -0.68
CA SER A 29 4.85 2.03 -0.88
C SER A 29 5.57 1.70 0.43
N VAL A 30 5.38 2.52 1.47
CA VAL A 30 6.04 2.25 2.73
C VAL A 30 5.50 1.00 3.38
N GLY A 31 4.17 0.83 3.31
CA GLY A 31 3.54 -0.33 3.88
C GLY A 31 4.13 -1.62 3.32
N ALA A 32 4.35 -1.67 2.01
CA ALA A 32 4.94 -2.85 1.38
C ALA A 32 6.37 -3.04 1.93
N LEU A 33 7.16 -1.96 1.89
CA LEU A 33 8.54 -1.98 2.39
C LEU A 33 8.61 -2.38 3.86
N GLU A 34 7.66 -1.90 4.67
CA GLU A 34 7.64 -2.24 6.09
C GLU A 34 7.41 -3.74 6.24
N GLY A 35 6.69 -4.32 5.30
CA GLY A 35 6.44 -5.74 5.33
C GLY A 35 7.70 -6.53 5.05
N GLN A 36 8.38 -6.21 3.95
CA GLN A 36 9.61 -6.92 3.59
C GLN A 36 10.68 -6.75 4.67
N LEU A 37 10.59 -5.67 5.42
CA LEU A 37 11.56 -5.36 6.48
C LEU A 37 11.32 -6.25 7.70
N LYS A 38 10.07 -6.47 8.04
CA LYS A 38 9.70 -7.29 9.17
C LYS A 38 10.09 -8.75 8.89
N LYS A 39 9.79 -9.18 7.67
CA LYS A 39 10.07 -10.53 7.19
C LYS A 39 11.58 -10.81 7.20
N LYS A 40 12.34 -9.82 6.74
CA LYS A 40 13.80 -9.91 6.67
C LYS A 40 14.56 -9.77 7.99
N THR A 41 14.20 -8.79 8.81
CA THR A 41 14.92 -8.52 10.05
C THR A 41 14.23 -8.85 11.37
N GLY A 42 12.90 -8.92 11.36
CA GLY A 42 12.17 -9.21 12.57
C GLY A 42 11.71 -7.92 13.22
N LYS A 43 12.14 -6.80 12.64
CA LYS A 43 11.78 -5.47 13.13
C LYS A 43 10.55 -4.92 12.44
N LEU A 44 9.62 -4.39 13.22
CA LEU A 44 8.41 -3.78 12.70
C LEU A 44 8.48 -2.30 13.05
N LEU A 45 8.59 -1.43 12.06
CA LEU A 45 8.65 0.01 12.33
C LEU A 45 8.17 0.84 11.15
N ASN A 46 7.75 2.07 11.42
CA ASN A 46 7.26 2.96 10.37
C ASN A 46 8.39 3.52 9.50
N LEU A 47 8.20 3.46 8.19
CA LEU A 47 9.17 4.00 7.24
C LEU A 47 8.68 5.41 6.87
N SER A 48 9.55 6.22 6.26
CA SER A 48 9.20 7.59 5.93
C SER A 48 8.44 7.89 4.63
N PRO A 49 7.12 8.12 4.75
CA PRO A 49 6.27 8.44 3.60
C PRO A 49 6.74 9.77 3.01
N GLN A 50 7.15 10.66 3.90
CA GLN A 50 7.63 12.00 3.55
C GLN A 50 8.92 11.93 2.74
N ASN A 51 9.77 10.96 3.07
CA ASN A 51 11.04 10.79 2.35
C ASN A 51 10.69 10.59 0.88
N LEU A 52 9.63 9.84 0.61
CA LEU A 52 9.21 9.57 -0.77
C LEU A 52 8.49 10.76 -1.42
N VAL A 53 7.62 11.41 -0.66
CA VAL A 53 6.90 12.54 -1.19
C VAL A 53 7.89 13.60 -1.66
N ASP A 54 8.91 13.84 -0.84
CA ASP A 54 9.93 14.84 -1.12
C ASP A 54 10.98 14.47 -2.16
N CYS A 55 11.33 13.20 -2.24
CA CYS A 55 12.39 12.80 -3.15
C CYS A 55 12.06 12.08 -4.45
N VAL A 56 10.95 11.34 -4.49
CA VAL A 56 10.61 10.63 -5.72
C VAL A 56 10.18 11.66 -6.77
N SER A 57 11.18 12.19 -7.49
CA SER A 57 10.95 13.19 -8.51
C SER A 57 10.10 12.71 -9.68
N GLU A 58 10.20 11.42 -10.00
CA GLU A 58 9.40 10.89 -11.10
C GLU A 58 7.92 11.06 -10.78
N ASN A 59 7.62 11.31 -9.50
CA ASN A 59 6.24 11.50 -9.07
C ASN A 59 5.86 12.96 -8.90
N ASP A 60 4.76 13.22 -8.20
CA ASP A 60 4.29 14.58 -8.02
C ASP A 60 3.83 14.89 -6.60
N GLY A 61 4.50 14.29 -5.62
CA GLY A 61 4.17 14.51 -4.22
C GLY A 61 2.69 14.45 -3.89
N CYS A 62 2.21 15.49 -3.22
CA CYS A 62 0.81 15.59 -2.83
C CYS A 62 -0.18 15.52 -3.98
N GLY A 63 0.32 15.64 -5.21
CA GLY A 63 -0.55 15.58 -6.37
C GLY A 63 -0.79 14.15 -6.82
N GLY A 64 -0.05 13.21 -6.24
CA GLY A 64 -0.20 11.81 -6.61
C GLY A 64 1.08 11.22 -7.16
N GLY A 65 1.14 9.90 -7.24
CA GLY A 65 2.33 9.24 -7.76
C GLY A 65 2.15 7.75 -7.95
N TYR A 66 3.21 7.04 -8.27
CA TYR A 66 3.11 5.60 -8.47
C TYR A 66 4.09 4.83 -7.57
N MET A 67 3.67 3.66 -7.10
CA MET A 67 4.49 2.84 -6.21
C MET A 67 5.80 2.35 -6.84
N THR A 68 5.75 1.87 -8.08
CA THR A 68 6.95 1.38 -8.75
C THR A 68 8.08 2.39 -8.66
N ASN A 69 7.79 3.64 -9.04
CA ASN A 69 8.75 4.72 -9.02
C ASN A 69 9.35 4.92 -7.64
N ALA A 70 8.52 4.74 -6.62
CA ALA A 70 8.97 4.88 -5.24
C ALA A 70 9.99 3.79 -4.97
N PHE A 71 9.68 2.57 -5.41
CA PHE A 71 10.58 1.45 -5.21
C PHE A 71 11.87 1.67 -5.98
N GLN A 72 11.75 2.22 -7.18
CA GLN A 72 12.93 2.49 -8.00
C GLN A 72 13.78 3.51 -7.29
N TYR A 73 13.13 4.49 -6.67
CA TYR A 73 13.85 5.54 -5.94
C TYR A 73 14.64 4.97 -4.78
N VAL A 74 13.97 4.23 -3.89
CA VAL A 74 14.63 3.65 -2.74
C VAL A 74 15.82 2.78 -3.15
N GLN A 75 15.72 2.12 -4.29
CA GLN A 75 16.81 1.27 -4.76
C GLN A 75 17.97 2.13 -5.24
N LYS A 76 17.68 3.13 -6.06
CA LYS A 76 18.68 4.04 -6.61
C LYS A 76 19.34 4.90 -5.54
N ASN A 77 18.55 5.29 -4.54
CA ASN A 77 19.03 6.14 -3.45
C ASN A 77 19.77 5.31 -2.43
N ARG A 78 19.70 3.99 -2.57
CA ARG A 78 20.38 3.10 -1.62
C ARG A 78 19.73 3.18 -0.23
N GLY A 79 18.42 3.38 -0.18
CA GLY A 79 17.77 3.43 1.12
C GLY A 79 16.65 4.43 1.33
N ILE A 80 15.85 4.17 2.35
CA ILE A 80 14.74 5.02 2.73
C ILE A 80 14.84 5.27 4.23
N ASP A 81 14.53 6.48 4.66
CA ASP A 81 14.59 6.81 6.09
C ASP A 81 13.36 6.25 6.81
N SER A 82 13.39 6.34 8.13
CA SER A 82 12.26 5.88 8.93
C SER A 82 11.39 7.09 9.22
N GLU A 83 10.17 6.85 9.68
CA GLU A 83 9.24 7.92 10.02
C GLU A 83 9.88 8.81 11.08
N ASP A 84 10.55 8.20 12.06
CA ASP A 84 11.16 8.99 13.12
C ASP A 84 12.25 9.95 12.64
N ALA A 85 13.09 9.49 11.73
CA ALA A 85 14.17 10.32 11.21
C ALA A 85 13.74 11.29 10.12
N TYR A 86 12.57 11.04 9.54
CA TYR A 86 12.05 11.87 8.46
C TYR A 86 10.53 11.88 8.62
N PRO A 87 10.03 12.57 9.66
CA PRO A 87 8.60 12.68 9.99
C PRO A 87 7.69 13.23 8.90
N TYR A 88 6.44 12.76 8.90
CA TYR A 88 5.43 13.17 7.93
C TYR A 88 4.82 14.54 8.25
N VAL A 89 4.87 15.46 7.30
CA VAL A 89 4.29 16.79 7.53
C VAL A 89 3.04 17.10 6.70
N GLY A 90 2.72 16.23 5.74
CA GLY A 90 1.52 16.42 4.94
C GLY A 90 1.58 17.38 3.77
N GLN A 91 2.78 17.76 3.35
CA GLN A 91 2.97 18.66 2.22
C GLN A 91 4.33 18.37 1.63
N GLU A 92 4.54 18.74 0.37
CA GLU A 92 5.82 18.48 -0.29
C GLU A 92 6.86 19.52 0.09
N GLU A 93 8.02 19.05 0.52
CA GLU A 93 9.11 19.95 0.90
C GLU A 93 10.36 19.54 0.13
N SER A 94 11.45 20.26 0.36
CA SER A 94 12.71 19.94 -0.30
C SER A 94 13.23 18.59 0.21
N CYS A 95 13.86 17.83 -0.67
CA CYS A 95 14.41 16.52 -0.31
C CYS A 95 15.53 16.67 0.73
N MET A 96 15.29 16.14 1.92
CA MET A 96 16.28 16.20 2.99
C MET A 96 17.12 14.94 3.04
N TYR A 97 18.36 15.10 3.50
CA TYR A 97 19.31 13.99 3.64
C TYR A 97 19.66 13.82 5.11
N ASN A 98 19.31 12.66 5.66
CA ASN A 98 19.58 12.35 7.07
C ASN A 98 20.71 11.32 7.11
N PRO A 99 21.91 11.74 7.53
CA PRO A 99 23.11 10.88 7.63
C PRO A 99 22.90 9.60 8.44
N THR A 100 22.00 9.67 9.41
CA THR A 100 21.72 8.53 10.28
C THR A 100 20.30 7.99 10.05
N GLY A 101 19.59 8.58 9.08
CA GLY A 101 18.22 8.19 8.81
C GLY A 101 17.84 6.89 8.13
N LYS A 102 18.77 6.26 7.40
CA LYS A 102 18.48 5.01 6.69
C LYS A 102 17.88 3.95 7.62
N ALA A 103 16.79 3.32 7.19
CA ALA A 103 16.12 2.30 8.01
C ALA A 103 15.71 1.07 7.22
N ALA A 104 15.90 1.13 5.91
CA ALA A 104 15.57 0.01 5.04
C ALA A 104 16.18 0.23 3.68
N LYS A 105 16.27 -0.84 2.91
CA LYS A 105 16.82 -0.75 1.57
C LYS A 105 15.91 -1.51 0.62
N CYS A 106 16.08 -1.25 -0.67
CA CYS A 106 15.26 -1.89 -1.70
C CYS A 106 16.17 -2.28 -2.87
N ARG A 107 16.04 -3.52 -3.33
CA ARG A 107 16.85 -3.99 -4.44
C ARG A 107 16.01 -4.21 -5.70
N GLY A 108 14.95 -3.44 -5.82
CA GLY A 108 14.09 -3.56 -6.99
C GLY A 108 12.64 -3.81 -6.63
N TYR A 109 11.90 -4.38 -7.57
CA TYR A 109 10.49 -4.67 -7.36
C TYR A 109 9.95 -5.47 -8.53
N ARG A 110 8.79 -6.08 -8.32
CA ARG A 110 8.14 -6.88 -9.35
C ARG A 110 6.69 -6.45 -9.48
N GLU A 111 6.11 -6.67 -10.66
CA GLU A 111 4.72 -6.32 -10.88
C GLU A 111 3.89 -7.60 -10.98
N ILE A 112 2.61 -7.49 -10.67
CA ILE A 112 1.73 -8.66 -10.77
C ILE A 112 1.09 -8.62 -12.16
N PRO A 113 0.98 -9.79 -12.82
CA PRO A 113 0.38 -9.84 -14.16
C PRO A 113 -0.96 -9.11 -14.20
N GLU A 114 -0.99 -7.97 -14.89
CA GLU A 114 -2.18 -7.13 -15.00
C GLU A 114 -3.55 -7.84 -15.02
N GLY A 115 -4.39 -7.45 -14.06
CA GLY A 115 -5.73 -8.00 -13.94
C GLY A 115 -5.83 -9.42 -13.45
N ASN A 116 -4.71 -9.99 -13.03
CA ASN A 116 -4.73 -11.37 -12.56
C ASN A 116 -4.84 -11.45 -11.04
N GLU A 117 -6.05 -11.77 -10.55
CA GLU A 117 -6.28 -11.86 -9.11
C GLU A 117 -5.64 -13.09 -8.49
N LYS A 118 -5.59 -14.17 -9.27
CA LYS A 118 -4.99 -15.41 -8.83
C LYS A 118 -3.50 -15.20 -8.59
N ALA A 119 -2.87 -14.43 -9.47
CA ALA A 119 -1.45 -14.12 -9.37
C ALA A 119 -1.20 -13.15 -8.22
N LEU A 120 -2.19 -12.30 -7.94
CA LEU A 120 -2.08 -11.34 -6.87
C LEU A 120 -2.13 -12.11 -5.55
N LYS A 121 -2.98 -13.12 -5.50
CA LYS A 121 -3.15 -13.95 -4.32
C LYS A 121 -1.86 -14.73 -4.02
N ARG A 122 -1.26 -15.32 -5.06
CA ARG A 122 -0.03 -16.08 -4.89
C ARG A 122 1.09 -15.17 -4.39
N ALA A 123 1.13 -13.94 -4.91
CA ALA A 123 2.15 -12.97 -4.54
C ALA A 123 2.02 -12.52 -3.08
N VAL A 124 0.77 -12.36 -2.61
CA VAL A 124 0.53 -11.95 -1.23
C VAL A 124 0.89 -13.08 -0.26
N ALA A 125 0.56 -14.30 -0.63
CA ALA A 125 0.86 -15.44 0.23
C ALA A 125 2.35 -15.74 0.34
N ARG A 126 3.10 -15.55 -0.74
CA ARG A 126 4.53 -15.84 -0.73
C ARG A 126 5.47 -14.69 -0.41
N VAL A 127 5.04 -13.46 -0.70
CA VAL A 127 5.86 -12.29 -0.45
C VAL A 127 5.55 -11.56 0.83
N GLY A 128 4.27 -11.26 1.02
CA GLY A 128 3.85 -10.51 2.18
C GLY A 128 2.97 -9.40 1.65
N PRO A 129 2.63 -8.38 2.46
CA PRO A 129 1.78 -7.26 2.02
C PRO A 129 2.15 -6.70 0.65
N VAL A 130 1.16 -6.59 -0.23
CA VAL A 130 1.39 -6.06 -1.57
C VAL A 130 0.65 -4.74 -1.84
N SER A 131 1.36 -3.84 -2.50
CA SER A 131 0.81 -2.53 -2.86
C SER A 131 -0.06 -2.72 -4.10
N VAL A 132 -1.30 -2.26 -4.01
CA VAL A 132 -2.24 -2.37 -5.14
C VAL A 132 -2.92 -1.04 -5.42
N ALA A 133 -3.38 -0.85 -6.66
CA ALA A 133 -4.08 0.37 -7.03
C ALA A 133 -5.53 0.03 -7.33
N ILE A 134 -6.43 0.95 -6.97
CA ILE A 134 -7.86 0.76 -7.17
C ILE A 134 -8.57 2.06 -7.50
N ASP A 135 -9.85 1.90 -7.83
CA ASP A 135 -10.71 3.03 -8.11
C ASP A 135 -11.45 3.26 -6.80
N ALA A 136 -11.18 4.38 -6.15
CA ALA A 136 -11.81 4.72 -4.88
C ALA A 136 -12.64 6.00 -5.00
N SER A 137 -13.12 6.27 -6.20
CA SER A 137 -13.90 7.48 -6.45
C SER A 137 -15.41 7.36 -6.14
N LEU A 138 -15.89 6.15 -5.91
CA LEU A 138 -17.31 5.96 -5.62
C LEU A 138 -17.68 6.29 -4.19
N THR A 139 -18.76 7.05 -4.02
CA THR A 139 -19.20 7.43 -2.69
C THR A 139 -19.39 6.19 -1.83
N SER A 140 -19.69 5.06 -2.47
CA SER A 140 -19.88 3.81 -1.73
C SER A 140 -18.56 3.37 -1.08
N PHE A 141 -17.45 3.59 -1.78
CA PHE A 141 -16.15 3.23 -1.26
C PHE A 141 -15.71 4.22 -0.17
N GLN A 142 -15.81 5.52 -0.48
CA GLN A 142 -15.43 6.58 0.45
C GLN A 142 -16.17 6.46 1.78
N PHE A 143 -17.39 5.94 1.75
CA PHE A 143 -18.16 5.82 2.97
C PHE A 143 -18.27 4.40 3.50
N TYR A 144 -17.39 3.52 3.03
CA TYR A 144 -17.35 2.13 3.46
C TYR A 144 -17.29 2.02 4.99
N SER A 145 -18.08 1.12 5.56
CA SER A 145 -18.05 0.93 7.00
C SER A 145 -17.85 -0.53 7.41
N LYS A 146 -18.53 -1.45 6.72
CA LYS A 146 -18.39 -2.87 7.03
C LYS A 146 -18.77 -3.80 5.88
N GLY A 147 -18.48 -5.09 6.01
CA GLY A 147 -18.80 -6.04 4.97
C GLY A 147 -17.77 -6.12 3.86
N VAL A 148 -18.02 -6.97 2.88
CA VAL A 148 -17.12 -7.11 1.74
C VAL A 148 -17.64 -6.16 0.67
N TYR A 149 -16.87 -5.11 0.42
CA TYR A 149 -17.21 -4.07 -0.52
C TYR A 149 -17.23 -4.48 -1.98
N TYR A 150 -18.38 -4.24 -2.61
CA TYR A 150 -18.58 -4.53 -4.02
C TYR A 150 -19.62 -3.57 -4.57
N ASP A 151 -19.26 -2.87 -5.64
CA ASP A 151 -20.16 -1.92 -6.30
C ASP A 151 -19.92 -2.13 -7.79
N GLU A 152 -20.91 -2.68 -8.48
CA GLU A 152 -20.73 -2.96 -9.90
C GLU A 152 -20.30 -1.77 -10.74
N SER A 153 -20.65 -0.55 -10.34
CA SER A 153 -20.24 0.61 -11.11
C SER A 153 -18.77 0.98 -10.93
N CYS A 154 -18.04 0.22 -10.14
CA CYS A 154 -16.61 0.50 -9.91
C CYS A 154 -15.96 0.40 -11.29
N ASN A 155 -14.98 1.26 -11.55
CA ASN A 155 -14.28 1.29 -12.83
C ASN A 155 -12.88 0.69 -12.79
N SER A 156 -12.74 -0.53 -13.30
CA SER A 156 -11.46 -1.22 -13.30
C SER A 156 -10.38 -0.42 -14.00
N ASP A 157 -10.82 0.42 -14.93
CA ASP A 157 -9.91 1.24 -15.74
C ASP A 157 -9.83 2.66 -15.23
N ASN A 158 -10.06 2.84 -13.93
CA ASN A 158 -9.97 4.17 -13.35
C ASN A 158 -9.22 4.09 -12.04
N LEU A 159 -7.93 3.76 -12.15
CA LEU A 159 -7.06 3.65 -10.99
C LEU A 159 -6.75 5.06 -10.49
N ASN A 160 -7.14 5.38 -9.26
CA ASN A 160 -6.92 6.70 -8.72
C ASN A 160 -6.51 6.70 -7.24
N HIS A 161 -6.44 5.52 -6.64
CA HIS A 161 -6.08 5.42 -5.24
C HIS A 161 -5.14 4.24 -4.96
N ALA A 162 -4.17 4.47 -4.10
CA ALA A 162 -3.19 3.45 -3.76
C ALA A 162 -3.41 2.92 -2.35
N VAL A 163 -3.41 1.59 -2.21
CA VAL A 163 -3.60 0.97 -0.89
C VAL A 163 -2.63 -0.19 -0.66
N LEU A 164 -2.95 -1.01 0.33
CA LEU A 164 -2.11 -2.13 0.70
C LEU A 164 -2.92 -3.38 0.96
N ALA A 165 -2.54 -4.47 0.31
CA ALA A 165 -3.20 -5.75 0.51
C ALA A 165 -2.39 -6.51 1.58
N VAL A 166 -2.92 -6.61 2.78
CA VAL A 166 -2.19 -7.33 3.83
C VAL A 166 -2.64 -8.78 3.93
N GLY A 167 -3.56 -9.16 3.07
CA GLY A 167 -4.02 -10.53 3.11
C GLY A 167 -5.26 -10.72 2.29
N TYR A 168 -5.93 -11.84 2.54
CA TYR A 168 -7.16 -12.19 1.84
C TYR A 168 -7.83 -13.37 2.51
N GLY A 169 -9.12 -13.54 2.24
CA GLY A 169 -9.85 -14.63 2.82
C GLY A 169 -11.28 -14.64 2.36
N ILE A 170 -12.18 -15.05 3.25
CA ILE A 170 -13.59 -15.10 2.92
C ILE A 170 -14.39 -14.77 4.17
N GLN A 171 -15.50 -14.07 3.98
CA GLN A 171 -16.35 -13.69 5.10
C GLN A 171 -17.83 -13.80 4.71
N LYS A 172 -18.51 -14.77 5.29
CA LYS A 172 -19.93 -15.00 5.00
C LYS A 172 -20.12 -15.46 3.57
N GLY A 173 -19.17 -16.26 3.08
CA GLY A 173 -19.26 -16.77 1.72
C GLY A 173 -18.70 -15.80 0.68
N ASN A 174 -18.25 -14.63 1.12
CA ASN A 174 -17.70 -13.67 0.18
C ASN A 174 -16.18 -13.55 0.30
N LYS A 175 -15.48 -14.00 -0.73
CA LYS A 175 -14.02 -13.93 -0.76
C LYS A 175 -13.62 -12.46 -0.81
N HIS A 176 -12.56 -12.09 -0.11
CA HIS A 176 -12.13 -10.70 -0.10
C HIS A 176 -10.62 -10.51 -0.09
N TRP A 177 -10.21 -9.24 -0.17
CA TRP A 177 -8.82 -8.85 -0.11
C TRP A 177 -8.76 -7.99 1.15
N ILE A 178 -7.77 -8.21 2.02
CA ILE A 178 -7.65 -7.40 3.23
C ILE A 178 -6.88 -6.13 2.84
N ILE A 179 -7.55 -4.98 2.93
CA ILE A 179 -6.95 -3.71 2.51
C ILE A 179 -6.74 -2.62 3.56
N LYS A 180 -5.49 -2.17 3.67
CA LYS A 180 -5.12 -1.11 4.62
C LYS A 180 -5.12 0.24 3.88
N ASN A 181 -5.89 1.19 4.38
CA ASN A 181 -5.96 2.50 3.75
C ASN A 181 -5.09 3.45 4.58
N SER A 182 -5.05 4.72 4.20
CA SER A 182 -4.25 5.69 4.93
C SER A 182 -5.03 6.98 5.14
N TRP A 183 -6.27 6.83 5.59
CA TRP A 183 -7.13 7.96 5.86
C TRP A 183 -7.41 7.97 7.35
N GLY A 184 -6.45 7.48 8.10
CA GLY A 184 -6.61 7.41 9.53
C GLY A 184 -7.37 6.16 9.94
N GLU A 185 -7.37 5.89 11.25
CA GLU A 185 -8.02 4.74 11.83
C GLU A 185 -9.53 4.93 12.00
N ASN A 186 -10.04 6.12 11.67
CA ASN A 186 -11.47 6.39 11.80
C ASN A 186 -12.23 6.10 10.52
N TRP A 187 -11.51 5.99 9.41
CA TRP A 187 -12.13 5.69 8.13
C TRP A 187 -12.40 4.19 8.05
N GLY A 188 -13.43 3.81 7.29
CA GLY A 188 -13.77 2.41 7.16
C GLY A 188 -13.91 1.65 8.46
N ASN A 189 -13.23 0.51 8.55
CA ASN A 189 -13.25 -0.36 9.72
C ASN A 189 -11.88 -0.29 10.40
N LYS A 190 -11.65 0.79 11.16
CA LYS A 190 -10.37 0.99 11.84
C LYS A 190 -9.26 1.17 10.80
N GLY A 191 -9.57 1.90 9.73
CA GLY A 191 -8.60 2.15 8.68
C GLY A 191 -8.49 1.05 7.65
N TYR A 192 -9.35 0.04 7.76
CA TYR A 192 -9.35 -1.11 6.87
C TYR A 192 -10.60 -1.26 6.03
N ILE A 193 -10.52 -2.11 5.00
CA ILE A 193 -11.67 -2.39 4.14
C ILE A 193 -11.48 -3.71 3.42
N LEU A 194 -12.50 -4.56 3.48
CA LEU A 194 -12.44 -5.84 2.79
C LEU A 194 -13.07 -5.64 1.41
N MET A 195 -12.27 -5.81 0.37
CA MET A 195 -12.75 -5.65 -0.99
C MET A 195 -12.94 -6.99 -1.70
N ALA A 196 -14.00 -7.06 -2.50
CA ALA A 196 -14.35 -8.26 -3.25
C ALA A 196 -13.18 -8.89 -3.99
N ARG A 197 -12.99 -10.19 -3.77
CA ARG A 197 -11.94 -10.93 -4.44
C ARG A 197 -12.60 -11.89 -5.42
N ASN A 198 -12.06 -11.99 -6.63
CA ASN A 198 -12.61 -12.88 -7.64
C ASN A 198 -13.99 -12.46 -8.13
N LYS A 199 -14.23 -11.16 -8.16
CA LYS A 199 -15.51 -10.63 -8.65
C LYS A 199 -15.23 -9.79 -9.89
N ASN A 200 -14.52 -10.42 -10.84
CA ASN A 200 -14.18 -9.77 -12.09
C ASN A 200 -13.20 -8.61 -11.87
N ASN A 201 -12.25 -8.81 -10.98
CA ASN A 201 -11.25 -7.79 -10.67
C ASN A 201 -11.88 -6.46 -10.27
N ALA A 202 -12.81 -6.53 -9.32
CA ALA A 202 -13.53 -5.36 -8.82
C ALA A 202 -12.61 -4.17 -8.51
N CYS A 203 -12.98 -3.00 -9.04
CA CYS A 203 -12.21 -1.77 -8.83
C CYS A 203 -10.77 -1.82 -9.36
N GLY A 204 -10.46 -2.83 -10.16
CA GLY A 204 -9.12 -2.93 -10.72
C GLY A 204 -8.07 -3.26 -9.66
N ILE A 205 -8.47 -3.95 -8.61
CA ILE A 205 -7.57 -4.33 -7.52
C ILE A 205 -6.27 -4.97 -8.03
N ALA A 206 -6.33 -5.71 -9.12
CA ALA A 206 -5.13 -6.37 -9.63
C ALA A 206 -4.60 -5.76 -10.93
N ASN A 207 -5.04 -4.55 -11.27
CA ASN A 207 -4.56 -3.91 -12.49
C ASN A 207 -3.23 -3.18 -12.36
N LEU A 208 -2.76 -2.97 -11.14
CA LEU A 208 -1.50 -2.25 -10.93
C LEU A 208 -0.88 -2.59 -9.56
N ALA A 209 -0.65 -3.87 -9.31
CA ALA A 209 -0.07 -4.33 -8.06
C ALA A 209 1.41 -4.58 -8.21
N SER A 210 2.16 -4.31 -7.15
CA SER A 210 3.60 -4.48 -7.15
C SER A 210 4.12 -4.58 -5.72
N PHE A 211 5.26 -5.21 -5.56
CA PHE A 211 5.87 -5.35 -4.25
C PHE A 211 7.37 -5.09 -4.38
N PRO A 212 8.02 -4.63 -3.30
CA PRO A 212 9.45 -4.36 -3.37
C PRO A 212 10.30 -5.59 -3.09
N LYS A 213 11.49 -5.63 -3.69
CA LYS A 213 12.44 -6.72 -3.49
C LYS A 213 13.31 -6.30 -2.31
N MET A 214 13.61 -7.24 -1.42
CA MET A 214 14.44 -6.92 -0.27
C MET A 214 15.32 -8.12 0.08
S SO4 B . -7.82 -18.63 -7.08
O1 SO4 B . -8.83 -18.20 -6.11
O2 SO4 B . -6.95 -19.65 -6.46
O3 SO4 B . -8.49 -19.19 -8.27
O4 SO4 B . -6.99 -17.48 -7.48
S SO4 C . -6.84 8.61 13.07
O1 SO4 C . -7.12 8.99 14.46
O2 SO4 C . -5.99 7.40 13.08
O3 SO4 C . -8.10 8.32 12.37
O4 SO4 C . -6.13 9.71 12.37
S SO4 D . 16.09 -6.78 -11.56
O1 SO4 D . 15.41 -6.37 -10.33
O2 SO4 D . 16.77 -5.62 -12.17
O3 SO4 D . 17.09 -7.82 -11.22
O4 SO4 D . 15.12 -7.33 -12.52
C2 MYE E . -5.34 12.98 -6.23
C3 MYE E . -4.22 11.98 -5.91
C4 MYE E . -4.71 10.94 -4.87
C5 MYE E . -3.65 9.80 -4.71
N6 MYE E . -3.61 8.99 -5.91
C7 MYE E . -2.46 8.71 -6.49
O8 MYE E . -1.43 9.18 -6.04
C9 MYE E . -2.41 7.82 -7.73
C10 MYE E . -1.84 6.45 -7.32
C11 MYE E . -2.60 5.28 -7.98
C12 MYE E . -1.66 4.09 -8.10
C13 MYE E . -3.12 5.66 -9.34
N14 MYE E . -1.50 8.41 -8.68
C15 MYE E . -1.85 9.49 -9.42
O16 MYE E . -2.85 10.16 -9.15
O17 MYE E . -1.10 9.80 -10.46
C18 MYE E . -1.18 11.17 -10.79
C19 MYE E . 0.18 11.68 -11.17
C20 MYE E . 0.34 12.99 -11.55
C21 MYE E . 1.60 13.47 -11.89
C22 MYE E . 2.69 12.62 -11.86
BR2 MYE E . 4.44 13.31 -12.34
C24 MYE E . 2.54 11.29 -11.48
C25 MYE E . 1.29 10.82 -11.14
C26 MYE E . -4.00 8.93 -3.55
O27 MYE E . -4.19 9.71 -2.43
C1 MYE E . -5.31 14.12 -5.22
#